data_4GB1
#
_entry.id   4GB1
#
_cell.length_a   90.501
_cell.length_b   90.501
_cell.length_c   108.731
_cell.angle_alpha   90.00
_cell.angle_beta   90.00
_cell.angle_gamma   90.00
#
_symmetry.space_group_name_H-M   'I 4'
#
loop_
_entity.id
_entity.type
_entity.pdbx_description
1 polymer Neuraminidase
2 non-polymer '5-acetamido-2,6-anhydro-3,5-dideoxy-3-[(2E)-3-phenylprop-2-en-1-yl]-D-glycero-L-altro-non-2-enonic acid'
3 non-polymer 'CALCIUM ION'
4 water water
#
_entity_poly.entity_id   1
_entity_poly.type   'polypeptide(L)'
_entity_poly.pdbx_seq_one_letter_code
;TYMNNTEAICDAKGFAPFSKDNGIRIGSRGHIFVIREPFVSCSPIECRTFFLTQGSLLNDKHSNGTVKDRSPFRTLMSVE
VGQSPNVYQARFEAVAWSATACHDGKKWMTVGVTGPDSKAVAVIHYGGVPTDVVNSWAGDILRTQESSCTCIQGDCYWVM
TDGPANRQAQYRIYKANQGRIIGQTDISFNGGHIEECSCYPNDGKVECVCRDNWTGTNRPVLVISPDLSYRVGYLCAGIP
SDTPRGEDTQFTGSCTSPMGNQGYGVKGFGFRQGTDVWMGRTISRTSRSGFEILRIKNGWTQTSKEQIRKQVVVDNLNWS
GYSGSFTLPVELSGKDCLVPCFWVEMIRGKPEEKTIWTSSSSIVMCGVDYEVADWSWHDGAILPFDIDKM
;
_entity_poly.pdbx_strand_id   A
#
# COMPACT_ATOMS: atom_id res chain seq x y z
N THR A 1 -17.33 -12.32 15.77
CA THR A 1 -16.77 -13.51 15.12
C THR A 1 -15.54 -13.20 14.27
N TYR A 2 -14.43 -13.84 14.62
CA TYR A 2 -13.18 -13.66 13.90
C TYR A 2 -13.22 -14.17 12.45
N MET A 3 -12.65 -13.35 11.57
CA MET A 3 -12.51 -13.67 10.17
C MET A 3 -11.43 -14.73 10.03
N ASN A 4 -11.73 -15.84 9.36
CA ASN A 4 -10.66 -16.74 8.92
C ASN A 4 -10.13 -16.22 7.58
N ASN A 5 -8.85 -15.86 7.55
CA ASN A 5 -8.20 -15.49 6.29
C ASN A 5 -7.18 -16.56 5.88
N THR A 6 -7.49 -17.81 6.23
CA THR A 6 -6.57 -18.93 6.08
C THR A 6 -6.53 -19.54 4.69
N GLU A 7 -7.52 -19.19 3.85
CA GLU A 7 -7.65 -19.71 2.48
C GLU A 7 -6.50 -19.28 1.56
N ALA A 8 -6.46 -19.84 0.36
CA ALA A 8 -5.48 -19.43 -0.64
C ALA A 8 -5.99 -18.22 -1.42
N ILE A 9 -5.07 -17.43 -1.96
CA ILE A 9 -5.42 -16.33 -2.84
C ILE A 9 -6.02 -16.87 -4.15
N CYS A 10 -7.16 -16.32 -4.56
CA CYS A 10 -7.82 -16.74 -5.80
C CYS A 10 -6.92 -16.60 -7.02
N ASP A 11 -6.87 -17.62 -7.86
CA ASP A 11 -6.14 -17.51 -9.15
C ASP A 11 -6.98 -16.76 -10.16
N ALA A 12 -6.42 -15.69 -10.70
CA ALA A 12 -7.20 -14.67 -11.39
C ALA A 12 -6.60 -14.24 -12.74
N LYS A 13 -7.35 -14.49 -13.80
CA LYS A 13 -6.94 -14.11 -15.15
C LYS A 13 -6.79 -12.60 -15.34
N GLY A 14 -7.52 -11.81 -14.55
CA GLY A 14 -7.59 -10.37 -14.79
C GLY A 14 -8.20 -9.55 -13.68
N PHE A 15 -8.22 -8.23 -13.87
CA PHE A 15 -8.70 -7.33 -12.82
C PHE A 15 -9.81 -6.39 -13.29
N ALA A 16 -10.88 -6.34 -12.51
CA ALA A 16 -12.06 -5.57 -12.88
C ALA A 16 -12.13 -4.34 -11.99
N PRO A 17 -12.67 -3.23 -12.54
CA PRO A 17 -12.80 -2.04 -11.69
C PRO A 17 -13.77 -2.27 -10.54
N PHE A 18 -13.31 -1.97 -9.32
CA PHE A 18 -14.15 -1.91 -8.13
C PHE A 18 -14.70 -0.48 -8.00
N SER A 19 -13.83 0.49 -7.82
CA SER A 19 -14.31 1.83 -7.57
C SER A 19 -13.44 2.93 -8.13
N LYS A 20 -13.98 4.14 -8.08
CA LYS A 20 -13.23 5.31 -8.42
C LYS A 20 -13.91 6.46 -7.71
N ASP A 21 -13.17 7.11 -6.83
CA ASP A 21 -13.72 8.08 -5.89
C ASP A 21 -13.93 9.49 -6.49
N ASN A 22 -13.04 9.86 -7.41
CA ASN A 22 -13.08 11.14 -8.13
C ASN A 22 -12.80 12.33 -7.24
N GLY A 23 -12.10 12.06 -6.13
CA GLY A 23 -11.73 13.07 -5.16
C GLY A 23 -11.37 14.45 -5.68
N ILE A 24 -10.44 14.53 -6.62
CA ILE A 24 -9.92 15.85 -7.00
C ILE A 24 -10.82 16.65 -7.94
N ARG A 25 -11.48 15.99 -8.87
CA ARG A 25 -12.43 16.68 -9.72
C ARG A 25 -13.54 17.26 -8.84
N ILE A 26 -14.06 16.40 -7.96
CA ILE A 26 -15.14 16.74 -7.05
C ILE A 26 -14.72 17.90 -6.13
N GLY A 27 -13.44 17.94 -5.78
CA GLY A 27 -12.91 18.90 -4.84
C GLY A 27 -12.64 20.25 -5.46
N SER A 28 -13.05 20.41 -6.70
CA SER A 28 -12.96 21.69 -7.35
C SER A 28 -14.02 22.62 -6.77
N ARG A 29 -15.06 22.02 -6.16
CA ARG A 29 -16.18 22.77 -5.61
C ARG A 29 -16.69 22.18 -4.30
N GLY A 30 -16.61 20.86 -4.16
CA GLY A 30 -16.98 20.20 -2.92
C GLY A 30 -15.96 20.40 -1.80
N HIS A 31 -16.27 19.83 -0.65
CA HIS A 31 -15.38 19.92 0.51
C HIS A 31 -14.63 18.63 0.70
N ILE A 32 -13.41 18.60 0.17
CA ILE A 32 -12.62 17.38 0.04
C ILE A 32 -11.29 17.57 0.73
N PHE A 33 -10.89 16.60 1.54
CA PHE A 33 -9.61 16.69 2.21
C PHE A 33 -8.49 16.67 1.17
N VAL A 34 -7.38 17.34 1.47
CA VAL A 34 -6.15 17.16 0.73
C VAL A 34 -5.49 15.95 1.35
N ILE A 35 -5.28 14.92 0.54
CA ILE A 35 -4.80 13.64 1.04
C ILE A 35 -3.61 13.10 0.26
N ARG A 36 -3.02 12.06 0.83
CA ARG A 36 -2.01 11.25 0.17
C ARG A 36 -2.16 9.86 0.73
N GLU A 37 -1.63 8.88 0.01
CA GLU A 37 -1.57 7.49 0.46
C GLU A 37 -2.93 6.93 0.85
N PRO A 38 -3.87 6.86 -0.13
CA PRO A 38 -5.25 6.43 0.12
C PRO A 38 -5.51 4.94 -0.07
N PHE A 39 -5.06 4.11 0.86
CA PHE A 39 -5.26 2.66 0.75
C PHE A 39 -6.66 2.14 1.13
N VAL A 40 -6.87 0.84 0.90
CA VAL A 40 -8.17 0.20 1.11
C VAL A 40 -8.00 -1.01 2.00
N SER A 41 -8.87 -1.19 2.98
CA SER A 41 -8.98 -2.46 3.71
C SER A 41 -10.42 -2.82 3.93
N CYS A 42 -10.69 -4.11 4.02
CA CYS A 42 -12.07 -4.60 4.06
C CYS A 42 -12.46 -5.24 5.39
N SER A 43 -13.68 -4.99 5.83
CA SER A 43 -14.24 -5.67 6.99
C SER A 43 -15.24 -6.71 6.48
N PRO A 44 -15.71 -7.60 7.34
CA PRO A 44 -16.64 -8.63 6.88
C PRO A 44 -17.85 -8.03 6.16
N ILE A 45 -18.05 -6.73 6.32
CA ILE A 45 -19.27 -6.11 5.88
C ILE A 45 -19.13 -4.98 4.85
N GLU A 46 -17.95 -4.39 4.78
CA GLU A 46 -17.71 -3.26 3.88
C GLU A 46 -16.21 -2.97 3.71
N CYS A 47 -15.85 -2.49 2.53
CA CYS A 47 -14.48 -2.09 2.30
C CYS A 47 -14.44 -0.59 2.40
N ARG A 48 -13.33 -0.07 2.91
CA ARG A 48 -13.18 1.35 3.15
C ARG A 48 -11.85 1.89 2.61
N THR A 49 -11.86 3.14 2.16
CA THR A 49 -10.64 3.85 1.80
C THR A 49 -10.12 4.60 3.02
N PHE A 50 -8.93 4.28 3.48
CA PHE A 50 -8.25 5.07 4.51
C PHE A 50 -7.30 6.02 3.81
N PHE A 51 -6.88 7.08 4.50
CA PHE A 51 -6.03 8.09 3.87
C PHE A 51 -5.47 9.03 4.90
N LEU A 52 -4.27 9.51 4.63
CA LEU A 52 -3.70 10.53 5.47
C LEU A 52 -4.25 11.83 4.97
N THR A 53 -4.81 12.62 5.89
CA THR A 53 -5.23 13.95 5.54
C THR A 53 -4.09 14.87 5.91
N GLN A 54 -3.89 15.91 5.11
CA GLN A 54 -2.97 16.97 5.49
C GLN A 54 -3.73 17.93 6.41
N GLY A 55 -4.94 17.53 6.79
CA GLY A 55 -5.80 18.32 7.66
C GLY A 55 -6.45 19.54 7.00
N SER A 56 -6.28 19.71 5.70
CA SER A 56 -6.83 20.86 4.99
C SER A 56 -7.72 20.44 3.84
N LEU A 57 -8.29 21.41 3.13
CA LEU A 57 -9.21 21.10 2.04
C LEU A 57 -8.74 21.65 0.67
N LEU A 58 -9.06 20.92 -0.38
CA LEU A 58 -8.72 21.35 -1.73
C LEU A 58 -9.29 22.75 -1.97
N ASN A 59 -8.56 23.56 -2.73
CA ASN A 59 -8.97 24.92 -3.07
C ASN A 59 -8.99 25.85 -1.87
N ASP A 60 -7.99 25.75 -1.01
CA ASP A 60 -7.95 26.54 0.22
C ASP A 60 -6.49 26.79 0.53
N LYS A 61 -6.21 27.88 1.25
CA LYS A 61 -4.84 28.29 1.52
C LYS A 61 -4.06 27.28 2.36
N HIS A 62 -4.77 26.44 3.11
CA HIS A 62 -4.09 25.50 3.97
C HIS A 62 -3.55 24.27 3.24
N SER A 63 -4.00 24.07 2.00
CA SER A 63 -3.45 23.00 1.16
C SER A 63 -2.06 23.39 0.68
N ASN A 64 -1.76 24.68 0.83
CA ASN A 64 -0.45 25.20 0.52
C ASN A 64 0.49 24.16 1.07
N GLY A 65 1.16 23.45 0.18
CA GLY A 65 1.93 22.26 0.53
C GLY A 65 3.23 22.42 1.29
N THR A 66 3.69 23.66 1.44
CA THR A 66 4.91 23.91 2.19
C THR A 66 4.78 23.17 3.51
N VAL A 67 3.53 22.97 3.91
CA VAL A 67 3.19 22.18 5.09
C VAL A 67 3.83 20.79 4.99
N LYS A 68 4.47 20.36 6.09
CA LYS A 68 5.27 19.13 6.11
C LYS A 68 4.44 17.86 5.95
N ASP A 69 5.08 16.83 5.40
CA ASP A 69 4.47 15.51 5.31
C ASP A 69 4.18 15.09 6.75
N ARG A 70 5.22 15.13 7.58
CA ARG A 70 5.14 14.64 8.94
C ARG A 70 4.75 15.70 9.98
N SER A 71 3.60 16.35 9.77
CA SER A 71 3.14 17.45 10.62
C SER A 71 2.17 16.98 11.69
N PRO A 72 2.01 17.77 12.75
CA PRO A 72 0.99 17.44 13.75
C PRO A 72 -0.46 17.50 13.23
N PHE A 73 -0.71 18.13 12.08
CA PHE A 73 -2.09 18.21 11.52
C PHE A 73 -2.44 17.04 10.61
N ARG A 74 -1.56 16.04 10.54
CA ARG A 74 -1.74 14.92 9.62
C ARG A 74 -2.52 13.81 10.32
N THR A 75 -3.75 13.55 9.89
CA THR A 75 -4.57 12.53 10.57
C THR A 75 -4.94 11.39 9.63
N LEU A 76 -5.11 10.19 10.19
CA LEU A 76 -5.64 9.07 9.45
C LEU A 76 -7.15 9.12 9.65
N MET A 77 -7.89 9.21 8.54
CA MET A 77 -9.33 9.11 8.51
C MET A 77 -9.77 8.15 7.41
N SER A 78 -11.08 7.90 7.30
CA SER A 78 -11.57 6.99 6.28
C SER A 78 -13.00 7.27 5.84
N VAL A 79 -13.37 6.70 4.68
CA VAL A 79 -14.74 6.68 4.19
C VAL A 79 -14.97 5.34 3.50
N GLU A 80 -16.17 5.10 3.01
CA GLU A 80 -16.41 3.85 2.30
C GLU A 80 -15.77 3.87 0.91
N VAL A 81 -15.24 2.71 0.50
CA VAL A 81 -14.55 2.57 -0.77
C VAL A 81 -15.36 3.14 -1.93
N GLY A 82 -14.73 4.01 -2.71
CA GLY A 82 -15.40 4.62 -3.84
C GLY A 82 -15.96 6.00 -3.58
N GLN A 83 -16.09 6.36 -2.31
CA GLN A 83 -16.52 7.69 -1.93
C GLN A 83 -15.26 8.51 -1.81
N SER A 84 -15.37 9.81 -2.12
CA SER A 84 -14.24 10.71 -2.06
C SER A 84 -13.89 10.91 -0.60
N PRO A 85 -12.66 11.41 -0.34
CA PRO A 85 -12.28 11.65 1.06
C PRO A 85 -12.84 12.99 1.51
N ASN A 86 -14.15 13.07 1.61
CA ASN A 86 -14.82 14.32 1.93
C ASN A 86 -15.08 14.42 3.43
N VAL A 87 -15.10 15.65 3.92
CA VAL A 87 -15.27 15.93 5.35
C VAL A 87 -16.55 15.35 5.97
N TYR A 88 -17.66 15.48 5.25
CA TYR A 88 -18.96 15.21 5.88
C TYR A 88 -19.34 13.73 5.94
N GLN A 89 -18.60 12.90 5.21
CA GLN A 89 -18.71 11.44 5.33
C GLN A 89 -17.46 10.77 5.94
N ALA A 90 -16.49 11.56 6.38
CA ALA A 90 -15.24 11.03 6.92
C ALA A 90 -15.36 10.47 8.35
N ARG A 91 -14.65 9.38 8.61
CA ARG A 91 -14.62 8.85 9.95
C ARG A 91 -13.20 9.04 10.46
N PHE A 92 -13.05 9.57 11.67
CA PHE A 92 -11.71 9.73 12.24
C PHE A 92 -11.12 8.41 12.70
N GLU A 93 -9.87 8.14 12.32
CA GLU A 93 -9.18 6.90 12.72
C GLU A 93 -8.05 7.11 13.75
N ALA A 94 -7.07 7.92 13.39
CA ALA A 94 -5.94 8.19 14.27
C ALA A 94 -5.16 9.41 13.80
N VAL A 95 -4.37 9.95 14.72
CA VAL A 95 -3.39 10.95 14.37
C VAL A 95 -2.17 10.24 13.77
N ALA A 96 -1.90 10.42 12.48
CA ALA A 96 -0.78 9.71 11.89
C ALA A 96 -0.26 10.28 10.57
N TRP A 97 1.04 10.48 10.51
CA TRP A 97 1.72 10.81 9.26
C TRP A 97 2.29 9.54 8.60
N SER A 98 1.89 8.40 9.14
CA SER A 98 2.11 7.11 8.48
C SER A 98 1.15 6.12 9.15
N ALA A 99 0.50 5.27 8.37
CA ALA A 99 -0.61 4.49 8.89
C ALA A 99 -0.75 3.09 8.33
N THR A 100 -1.32 2.19 9.13
CA THR A 100 -1.89 0.94 8.61
C THR A 100 -3.22 0.62 9.32
N ALA A 101 -4.14 0.00 8.60
CA ALA A 101 -5.44 -0.36 9.16
C ALA A 101 -5.93 -1.72 8.67
N CYS A 102 -6.60 -2.46 9.55
CA CYS A 102 -7.17 -3.76 9.16
C CYS A 102 -8.20 -4.26 10.17
N HIS A 103 -9.16 -5.01 9.65
CA HIS A 103 -10.30 -5.48 10.44
C HIS A 103 -10.17 -6.98 10.66
N ASP A 104 -10.46 -7.44 11.87
CA ASP A 104 -10.21 -8.82 12.22
C ASP A 104 -11.47 -9.68 12.15
N GLY A 105 -12.61 -9.02 12.10
CA GLY A 105 -13.88 -9.70 12.01
C GLY A 105 -14.87 -9.12 12.99
N LYS A 106 -14.36 -8.72 14.15
CA LYS A 106 -15.17 -8.04 15.15
C LYS A 106 -14.99 -6.51 14.99
N LYS A 107 -13.75 -6.03 15.06
CA LYS A 107 -13.51 -4.58 15.04
C LYS A 107 -12.39 -4.09 14.10
N TRP A 108 -12.31 -2.77 13.94
CA TRP A 108 -11.18 -2.19 13.20
C TRP A 108 -10.02 -1.96 14.13
N MET A 109 -8.83 -2.34 13.67
CA MET A 109 -7.59 -1.97 14.31
C MET A 109 -6.86 -0.99 13.41
N THR A 110 -6.38 0.12 13.96
CA THR A 110 -5.59 1.04 13.16
C THR A 110 -4.30 1.38 13.88
N VAL A 111 -3.29 1.79 13.12
CA VAL A 111 -2.01 2.14 13.72
C VAL A 111 -1.47 3.44 13.14
N GLY A 112 -1.52 4.51 13.91
CA GLY A 112 -1.07 5.80 13.44
C GLY A 112 0.19 6.28 14.15
N VAL A 113 1.26 6.43 13.38
CA VAL A 113 2.54 6.94 13.87
C VAL A 113 2.52 8.45 13.75
N THR A 114 2.77 9.14 14.86
CA THR A 114 2.95 10.58 14.82
C THR A 114 4.01 11.03 15.81
N GLY A 115 4.31 12.31 15.82
CA GLY A 115 5.32 12.83 16.72
C GLY A 115 6.64 13.11 16.05
N PRO A 116 7.68 13.39 16.85
CA PRO A 116 8.95 13.82 16.29
C PRO A 116 9.68 12.64 15.67
N ASP A 117 10.54 12.92 14.69
CA ASP A 117 11.32 11.91 13.99
C ASP A 117 12.30 11.11 14.85
N SER A 118 12.81 11.70 15.94
CA SER A 118 13.77 11.02 16.82
C SER A 118 13.16 10.03 17.81
N LYS A 119 11.84 10.11 18.03
CA LYS A 119 11.15 9.25 18.98
C LYS A 119 9.66 9.20 18.66
N ALA A 120 9.30 8.69 17.49
CA ALA A 120 7.91 8.74 17.07
C ALA A 120 7.09 7.72 17.86
N VAL A 121 5.79 7.99 17.97
CA VAL A 121 4.90 7.11 18.70
C VAL A 121 3.84 6.56 17.75
N ALA A 122 3.59 5.25 17.88
CA ALA A 122 2.55 4.60 17.11
C ALA A 122 1.44 4.14 18.05
N VAL A 123 0.30 4.82 17.98
CA VAL A 123 -0.83 4.42 18.78
C VAL A 123 -1.60 3.38 18.00
N ILE A 124 -1.85 2.24 18.64
CA ILE A 124 -2.75 1.25 18.10
C ILE A 124 -4.17 1.49 18.60
N HIS A 125 -5.09 1.69 17.67
CA HIS A 125 -6.51 1.79 18.02
C HIS A 125 -7.23 0.46 17.82
N TYR A 126 -8.23 0.21 18.65
CA TYR A 126 -9.09 -0.93 18.44
C TYR A 126 -10.54 -0.53 18.73
N GLY A 127 -11.41 -0.67 17.73
CA GLY A 127 -12.79 -0.31 17.89
C GLY A 127 -13.00 1.15 18.25
N GLY A 128 -12.05 2.00 17.88
CA GLY A 128 -12.20 3.44 18.03
C GLY A 128 -11.51 4.10 19.21
N VAL A 129 -10.59 3.40 19.87
CA VAL A 129 -9.85 3.93 21.02
C VAL A 129 -8.39 3.42 21.03
N PRO A 130 -7.46 4.20 21.61
CA PRO A 130 -6.07 3.76 21.76
C PRO A 130 -6.03 2.54 22.66
N THR A 131 -5.32 1.50 22.27
CA THR A 131 -5.26 0.33 23.15
C THR A 131 -3.83 -0.05 23.50
N ASP A 132 -2.88 0.32 22.64
CA ASP A 132 -1.47 0.03 22.89
C ASP A 132 -0.55 0.88 22.03
N VAL A 133 0.75 0.84 22.34
CA VAL A 133 1.69 1.76 21.76
C VAL A 133 3.04 1.14 21.39
N VAL A 134 3.60 1.54 20.25
CA VAL A 134 5.00 1.23 19.94
C VAL A 134 5.80 2.54 19.86
N ASN A 135 7.00 2.55 20.43
CA ASN A 135 7.91 3.70 20.32
C ASN A 135 9.01 3.49 19.30
N SER A 136 9.61 4.58 18.82
CA SER A 136 10.80 4.48 17.98
C SER A 136 11.84 3.65 18.70
N TRP A 137 12.32 2.61 18.04
CA TRP A 137 13.36 1.77 18.62
C TRP A 137 14.71 2.15 18.04
N ALA A 138 14.71 3.00 17.01
CA ALA A 138 15.94 3.35 16.31
C ALA A 138 16.11 4.86 16.11
N GLY A 139 15.18 5.64 16.64
CA GLY A 139 15.26 7.09 16.56
C GLY A 139 15.36 7.71 15.16
N ASP A 140 14.77 7.06 14.17
CA ASP A 140 14.83 7.61 12.81
C ASP A 140 13.54 7.38 12.02
N ILE A 141 12.54 8.21 12.28
CA ILE A 141 11.25 8.16 11.57
C ILE A 141 10.49 6.85 11.51
N LEU A 142 10.10 6.32 12.66
CA LEU A 142 9.24 5.13 12.73
C LEU A 142 8.10 5.15 11.70
N ARG A 143 8.00 4.10 10.87
CA ARG A 143 7.00 4.08 9.79
C ARG A 143 6.46 2.68 9.53
N THR A 144 5.45 2.63 8.66
CA THR A 144 4.66 1.43 8.40
C THR A 144 4.04 1.42 7.00
N GLN A 145 3.20 0.42 6.75
CA GLN A 145 2.75 0.05 5.42
C GLN A 145 2.13 1.10 4.48
N GLU A 146 1.18 1.89 4.98
CA GLU A 146 0.31 2.71 4.11
C GLU A 146 -0.58 1.84 3.22
N SER A 147 -1.01 0.70 3.76
CA SER A 147 -1.72 -0.32 3.00
C SER A 147 -2.47 -1.14 4.03
N SER A 148 -3.43 -1.95 3.60
CA SER A 148 -4.10 -2.79 4.58
C SER A 148 -3.14 -3.72 5.29
N CYS A 149 -3.33 -3.85 6.60
CA CYS A 149 -2.67 -4.90 7.37
C CYS A 149 -3.50 -6.18 7.27
N THR A 150 -3.04 -7.22 7.94
CA THR A 150 -3.52 -8.56 7.68
C THR A 150 -3.94 -9.28 8.94
N CYS A 151 -5.21 -9.66 9.01
CA CYS A 151 -5.73 -10.35 10.17
C CYS A 151 -6.02 -11.82 9.85
N ILE A 152 -5.31 -12.73 10.51
CA ILE A 152 -5.60 -14.14 10.40
C ILE A 152 -6.00 -14.72 11.75
N GLN A 153 -7.22 -15.26 11.83
CA GLN A 153 -7.75 -15.84 13.06
C GLN A 153 -7.68 -14.92 14.29
N GLY A 154 -7.98 -13.65 14.09
CA GLY A 154 -8.09 -12.72 15.21
C GLY A 154 -6.82 -11.97 15.49
N ASP A 155 -5.71 -12.45 14.97
CA ASP A 155 -4.44 -11.79 15.19
C ASP A 155 -4.01 -11.01 13.96
N CYS A 156 -3.63 -9.75 14.16
CA CYS A 156 -3.28 -8.86 13.06
C CYS A 156 -1.78 -8.56 13.03
N TYR A 157 -1.20 -8.59 11.83
CA TYR A 157 0.25 -8.53 11.68
C TYR A 157 0.61 -7.31 10.83
N TRP A 158 1.75 -6.69 11.10
CA TRP A 158 2.21 -5.61 10.24
C TRP A 158 3.71 -5.33 10.34
N VAL A 159 4.24 -4.68 9.32
CA VAL A 159 5.68 -4.51 9.23
C VAL A 159 6.03 -3.06 9.45
N MET A 160 7.14 -2.82 10.12
CA MET A 160 7.59 -1.47 10.43
C MET A 160 9.08 -1.33 10.24
N THR A 161 9.47 -0.10 9.94
CA THR A 161 10.83 0.27 9.64
C THR A 161 11.26 1.41 10.55
N ASP A 162 12.42 1.26 11.19
CA ASP A 162 13.05 2.37 11.90
C ASP A 162 14.45 2.54 11.33
N GLY A 163 14.75 3.73 10.83
CA GLY A 163 16.08 3.96 10.30
C GLY A 163 16.11 4.87 9.09
N PRO A 164 17.28 4.98 8.45
CA PRO A 164 17.52 5.83 7.29
C PRO A 164 16.69 5.46 6.07
N ALA A 165 16.46 6.43 5.21
CA ALA A 165 15.68 6.18 4.01
C ALA A 165 16.55 5.59 2.90
N ASN A 166 17.87 5.75 2.99
CA ASN A 166 18.77 5.43 1.88
C ASN A 166 19.98 4.55 2.16
N ARG A 167 20.12 4.05 3.38
CA ARG A 167 21.13 3.04 3.71
C ARG A 167 20.45 2.01 4.63
N GLN A 168 21.21 1.07 5.17
CA GLN A 168 20.64 0.05 6.02
C GLN A 168 19.74 0.62 7.12
N ALA A 169 18.57 0.02 7.30
CA ALA A 169 17.68 0.39 8.40
C ALA A 169 17.30 -0.88 9.16
N GLN A 170 16.40 -0.74 10.12
CA GLN A 170 15.87 -1.88 10.88
C GLN A 170 14.38 -2.14 10.61
N TYR A 171 14.01 -3.41 10.53
CA TYR A 171 12.65 -3.80 10.12
C TYR A 171 12.08 -4.81 11.11
N ARG A 172 10.82 -4.62 11.50
CA ARG A 172 10.17 -5.51 12.46
C ARG A 172 8.81 -5.96 12.01
N ILE A 173 8.46 -7.20 12.36
CA ILE A 173 7.09 -7.69 12.30
C ILE A 173 6.45 -7.43 13.66
N TYR A 174 5.15 -7.17 13.67
CA TYR A 174 4.41 -6.87 14.89
C TYR A 174 3.11 -7.64 14.88
N LYS A 175 2.71 -8.19 16.01
CA LYS A 175 1.52 -9.04 16.06
C LYS A 175 0.51 -8.66 17.15
N ALA A 176 -0.66 -8.18 16.77
CA ALA A 176 -1.70 -7.82 17.75
C ALA A 176 -2.92 -8.73 17.85
N ASN A 177 -3.46 -8.83 19.06
CA ASN A 177 -4.80 -9.37 19.25
C ASN A 177 -5.63 -8.37 20.03
N GLN A 178 -6.76 -8.00 19.46
CA GLN A 178 -7.67 -7.02 20.04
C GLN A 178 -7.01 -5.72 20.48
N GLY A 179 -6.01 -5.29 19.73
CA GLY A 179 -5.39 -4.00 19.94
C GLY A 179 -4.21 -4.07 20.88
N ARG A 180 -4.00 -5.22 21.49
CA ARG A 180 -2.83 -5.41 22.31
C ARG A 180 -1.75 -6.12 21.51
N ILE A 181 -0.58 -5.49 21.41
CA ILE A 181 0.58 -6.15 20.85
C ILE A 181 0.87 -7.39 21.66
N ILE A 182 0.96 -8.55 21.00
CA ILE A 182 1.22 -9.79 21.72
C ILE A 182 2.45 -10.54 21.21
N GLY A 183 3.16 -9.92 20.26
CA GLY A 183 4.36 -10.52 19.72
C GLY A 183 5.04 -9.61 18.71
N GLN A 184 6.34 -9.80 18.50
CA GLN A 184 7.10 -9.01 17.55
C GLN A 184 8.45 -9.65 17.28
N THR A 185 9.02 -9.39 16.10
CA THR A 185 10.32 -9.93 15.73
C THR A 185 11.11 -8.97 14.83
N ASP A 186 12.41 -8.87 15.06
CA ASP A 186 13.28 -8.16 14.14
C ASP A 186 13.40 -8.98 12.88
N ILE A 187 13.67 -8.29 11.78
CA ILE A 187 13.86 -8.92 10.47
C ILE A 187 15.30 -8.77 9.99
N SER A 188 16.05 -9.86 10.11
CA SER A 188 17.44 -9.92 9.72
C SER A 188 17.48 -9.92 8.22
N PHE A 189 17.99 -8.81 7.70
CA PHE A 189 17.95 -8.48 6.29
C PHE A 189 19.07 -7.51 6.01
N ASN A 190 20.34 -7.88 6.01
CA ASN A 190 21.40 -6.87 5.79
C ASN A 190 21.47 -6.48 4.29
N GLY A 191 22.03 -5.31 3.99
CA GLY A 191 22.15 -4.85 2.62
C GLY A 191 20.78 -4.67 2.01
N GLY A 192 19.83 -5.49 2.46
CA GLY A 192 18.46 -5.39 2.01
C GLY A 192 17.81 -4.17 2.62
N HIS A 193 16.65 -3.79 2.10
CA HIS A 193 15.95 -2.61 2.59
C HIS A 193 14.44 -2.81 2.38
N ILE A 194 13.67 -2.56 3.45
CA ILE A 194 12.22 -2.77 3.45
C ILE A 194 11.41 -1.55 3.91
N GLU A 195 10.47 -1.11 3.08
CA GLU A 195 9.56 -0.02 3.43
C GLU A 195 8.19 -0.18 2.81
N GLU A 196 7.16 0.30 3.49
CA GLU A 196 5.83 0.44 2.89
C GLU A 196 5.36 -0.89 2.31
N CYS A 197 5.34 -1.92 3.13
CA CYS A 197 4.95 -3.25 2.69
C CYS A 197 3.49 -3.34 2.24
N SER A 198 3.26 -4.12 1.18
CA SER A 198 1.92 -4.37 0.69
C SER A 198 1.62 -5.85 0.89
N CYS A 199 0.85 -6.14 1.94
CA CYS A 199 0.63 -7.50 2.38
C CYS A 199 -0.76 -8.00 2.04
N TYR A 200 -0.98 -9.30 2.22
CA TYR A 200 -2.26 -9.93 1.95
C TYR A 200 -2.18 -11.30 2.59
N PRO A 201 -3.32 -11.86 3.03
CA PRO A 201 -3.23 -13.19 3.63
C PRO A 201 -3.17 -14.22 2.52
N ASN A 202 -2.35 -15.25 2.67
CA ASN A 202 -2.28 -16.30 1.66
C ASN A 202 -1.79 -17.60 2.29
N ASP A 203 -2.69 -18.59 2.32
CA ASP A 203 -2.37 -19.93 2.82
C ASP A 203 -2.05 -19.95 4.31
N GLY A 204 -2.66 -19.06 5.07
CA GLY A 204 -2.49 -19.08 6.51
C GLY A 204 -1.25 -18.36 7.00
N LYS A 205 -0.53 -17.74 6.06
CA LYS A 205 0.65 -16.94 6.36
C LYS A 205 0.47 -15.58 5.72
N VAL A 206 1.40 -14.67 5.95
CA VAL A 206 1.23 -13.30 5.44
C VAL A 206 2.32 -12.91 4.45
N GLU A 207 1.93 -12.61 3.24
CA GLU A 207 2.90 -12.30 2.20
C GLU A 207 2.87 -10.81 1.91
N CYS A 208 4.03 -10.20 1.88
CA CYS A 208 4.11 -8.78 1.60
C CYS A 208 5.08 -8.61 0.48
N VAL A 209 4.73 -7.76 -0.47
CA VAL A 209 5.73 -7.25 -1.41
C VAL A 209 5.92 -5.80 -1.01
N CYS A 210 7.15 -5.45 -0.64
CA CYS A 210 7.44 -4.14 -0.08
C CYS A 210 8.42 -3.36 -0.95
N ARG A 211 8.86 -2.20 -0.47
CA ARG A 211 9.76 -1.35 -1.24
C ARG A 211 11.17 -1.26 -0.65
N ASP A 212 12.16 -1.37 -1.52
CA ASP A 212 13.55 -1.19 -1.13
C ASP A 212 13.96 0.18 -1.59
N ASN A 213 14.24 1.09 -0.67
CA ASN A 213 14.55 2.47 -1.04
C ASN A 213 16.05 2.75 -1.05
N TRP A 214 16.85 1.70 -1.02
CA TRP A 214 18.29 1.85 -0.89
C TRP A 214 19.07 1.50 -2.15
N THR A 215 18.96 0.25 -2.58
CA THR A 215 19.78 -0.29 -3.64
C THR A 215 18.92 -0.92 -4.74
N GLY A 216 17.79 -1.51 -4.36
CA GLY A 216 17.06 -2.41 -5.25
C GLY A 216 15.82 -1.94 -6.02
N THR A 217 15.84 -2.22 -7.32
CA THR A 217 14.73 -1.95 -8.19
C THR A 217 13.68 -3.02 -8.01
N ASN A 218 14.12 -4.24 -7.68
CA ASN A 218 13.14 -5.29 -7.41
C ASN A 218 12.63 -5.08 -6.00
N ARG A 219 11.50 -5.69 -5.67
CA ARG A 219 10.87 -5.45 -4.39
C ARG A 219 11.21 -6.52 -3.39
N PRO A 220 11.47 -6.11 -2.15
CA PRO A 220 11.63 -7.11 -1.09
C PRO A 220 10.33 -7.88 -0.94
N VAL A 221 10.43 -9.11 -0.46
CA VAL A 221 9.27 -9.97 -0.23
C VAL A 221 9.48 -10.73 1.09
N LEU A 222 8.46 -10.77 1.94
CA LEU A 222 8.52 -11.65 3.12
C LEU A 222 7.27 -12.49 3.28
N VAL A 223 7.39 -13.59 4.02
CA VAL A 223 6.28 -14.45 4.32
C VAL A 223 6.31 -14.78 5.81
N ILE A 224 5.36 -14.22 6.55
CA ILE A 224 5.31 -14.30 8.00
C ILE A 224 4.39 -15.41 8.49
N SER A 225 4.97 -16.41 9.13
CA SER A 225 4.19 -17.47 9.74
C SER A 225 3.55 -16.88 10.98
N PRO A 226 2.50 -17.54 11.49
CA PRO A 226 1.82 -17.09 12.72
C PRO A 226 2.71 -16.98 13.96
N ASP A 227 3.85 -17.68 14.02
CA ASP A 227 4.73 -17.54 15.16
C ASP A 227 5.83 -16.49 14.92
N LEU A 228 5.58 -15.62 13.93
CA LEU A 228 6.53 -14.58 13.53
C LEU A 228 7.92 -15.09 13.17
N SER A 229 8.03 -16.38 12.88
CA SER A 229 9.14 -16.83 12.06
C SER A 229 8.81 -16.33 10.66
N TYR A 230 9.80 -16.27 9.79
CA TYR A 230 9.55 -15.68 8.49
C TYR A 230 10.57 -16.15 7.48
N ARG A 231 10.34 -15.77 6.23
CA ARG A 231 11.39 -15.79 5.22
C ARG A 231 11.35 -14.44 4.54
N VAL A 232 12.51 -13.96 4.13
CA VAL A 232 12.57 -12.65 3.50
C VAL A 232 13.53 -12.71 2.32
N GLY A 233 13.29 -11.87 1.33
CA GLY A 233 14.20 -11.78 0.21
C GLY A 233 13.58 -10.87 -0.82
N TYR A 234 13.74 -11.23 -2.08
CA TYR A 234 13.18 -10.43 -3.17
C TYR A 234 12.28 -11.22 -4.11
N LEU A 235 11.31 -10.52 -4.70
CA LEU A 235 10.42 -11.14 -5.67
C LEU A 235 11.31 -11.65 -6.79
N CYS A 236 11.19 -12.94 -7.08
CA CYS A 236 12.21 -13.59 -7.88
C CYS A 236 12.23 -13.05 -9.29
N ALA A 237 11.05 -12.89 -9.89
CA ALA A 237 10.91 -12.56 -11.31
C ALA A 237 11.97 -11.60 -11.84
N GLY A 238 12.48 -11.89 -13.04
CA GLY A 238 13.59 -11.14 -13.61
C GLY A 238 13.17 -9.84 -14.28
N ILE A 239 12.28 -9.12 -13.60
CA ILE A 239 11.68 -7.92 -14.13
C ILE A 239 11.57 -6.88 -13.01
N PRO A 240 12.20 -5.71 -13.20
CA PRO A 240 12.13 -4.69 -12.15
C PRO A 240 10.71 -4.12 -11.97
N SER A 241 10.25 -4.03 -10.72
CA SER A 241 8.87 -3.62 -10.44
C SER A 241 8.77 -2.38 -9.56
N ASP A 242 9.91 -1.73 -9.30
CA ASP A 242 9.97 -0.49 -8.53
C ASP A 242 10.02 0.72 -9.49
N THR A 243 10.15 1.93 -8.95
CA THR A 243 10.28 3.14 -9.78
C THR A 243 11.05 4.18 -8.98
N PRO A 244 12.21 4.65 -9.51
CA PRO A 244 12.74 4.34 -10.84
C PRO A 244 13.38 2.98 -10.90
N ARG A 245 13.66 2.55 -12.12
CA ARG A 245 14.18 1.23 -12.39
C ARG A 245 14.78 1.22 -13.79
N GLY A 246 15.60 0.22 -14.07
CA GLY A 246 16.17 0.09 -15.39
C GLY A 246 15.20 -0.69 -16.26
N GLU A 247 15.45 -0.74 -17.56
CA GLU A 247 14.62 -1.48 -18.49
C GLU A 247 14.66 -3.01 -18.26
N ASP A 248 13.61 -3.69 -18.68
CA ASP A 248 13.46 -5.11 -18.39
C ASP A 248 14.61 -5.95 -18.90
N THR A 249 15.19 -5.53 -20.02
CA THR A 249 16.21 -6.31 -20.69
C THR A 249 17.58 -6.20 -20.05
N GLN A 250 17.80 -5.17 -19.24
CA GLN A 250 19.07 -5.00 -18.57
C GLN A 250 19.00 -5.41 -17.10
N PHE A 251 18.09 -6.32 -16.79
CA PHE A 251 17.84 -6.66 -15.39
C PHE A 251 17.87 -8.15 -15.15
N THR A 252 18.84 -8.62 -14.38
CA THR A 252 18.85 -10.01 -13.97
C THR A 252 18.19 -10.17 -12.61
N GLY A 253 17.15 -10.99 -12.56
CA GLY A 253 16.38 -11.12 -11.34
C GLY A 253 17.09 -11.85 -10.23
N SER A 254 16.49 -11.80 -9.04
CA SER A 254 17.07 -12.48 -7.93
C SER A 254 16.00 -12.68 -6.87
N CYS A 255 16.07 -13.84 -6.21
CA CYS A 255 15.20 -14.19 -5.09
C CYS A 255 15.82 -13.79 -3.76
N THR A 256 17.07 -13.32 -3.81
CA THR A 256 17.91 -13.18 -2.63
C THR A 256 18.28 -11.72 -2.31
N SER A 257 18.73 -10.99 -3.33
CA SER A 257 19.39 -9.72 -3.10
C SER A 257 18.84 -8.64 -4.01
N PRO A 258 19.07 -7.36 -3.65
CA PRO A 258 18.60 -6.32 -4.55
C PRO A 258 19.38 -6.34 -5.85
N MET A 259 18.72 -5.88 -6.90
CA MET A 259 19.31 -5.76 -8.22
C MET A 259 18.95 -4.37 -8.77
N GLY A 260 19.72 -3.88 -9.74
CA GLY A 260 19.60 -2.49 -10.16
C GLY A 260 20.49 -1.66 -9.26
N ASN A 261 21.08 -0.57 -9.82
CA ASN A 261 21.90 0.28 -8.95
C ASN A 261 21.27 1.65 -8.72
N GLN A 262 19.99 1.63 -8.33
CA GLN A 262 19.27 2.86 -8.08
C GLN A 262 18.82 2.94 -6.63
N GLY A 263 18.71 4.17 -6.14
CA GLY A 263 18.14 4.43 -4.83
C GLY A 263 16.75 4.91 -5.15
N TYR A 264 16.06 5.42 -4.12
CA TYR A 264 14.70 5.88 -4.28
C TYR A 264 13.75 4.70 -4.35
N GLY A 265 12.52 4.95 -4.79
CA GLY A 265 11.55 3.88 -4.94
C GLY A 265 10.16 4.48 -4.86
N VAL A 266 9.15 3.61 -4.83
CA VAL A 266 7.74 3.97 -4.66
C VAL A 266 7.03 2.69 -4.24
N LYS A 267 5.94 2.84 -3.49
CA LYS A 267 5.24 1.69 -2.91
C LYS A 267 4.49 0.95 -3.98
N GLY A 268 4.60 -0.37 -3.95
CA GLY A 268 3.94 -1.21 -4.93
C GLY A 268 3.43 -2.48 -4.29
N PHE A 269 2.90 -3.37 -5.12
CA PHE A 269 2.29 -4.58 -4.62
C PHE A 269 2.62 -5.72 -5.55
N GLY A 270 2.24 -6.93 -5.12
CA GLY A 270 2.38 -8.12 -5.92
C GLY A 270 1.53 -9.19 -5.27
N PHE A 271 1.01 -10.12 -6.08
CA PHE A 271 0.20 -11.21 -5.56
C PHE A 271 0.76 -12.52 -6.08
N ARG A 272 1.06 -13.42 -5.14
CA ARG A 272 1.44 -14.79 -5.45
C ARG A 272 0.30 -15.48 -6.16
N GLN A 273 0.64 -16.23 -7.19
CA GLN A 273 -0.32 -17.07 -7.88
C GLN A 273 0.33 -18.41 -8.10
N GLY A 274 0.14 -19.33 -7.14
CA GLY A 274 0.84 -20.59 -7.14
C GLY A 274 2.33 -20.30 -7.12
N THR A 275 2.94 -20.35 -8.30
CA THR A 275 4.33 -19.99 -8.48
C THR A 275 4.50 -18.75 -9.35
N ASP A 276 3.41 -18.36 -10.02
CA ASP A 276 3.41 -17.15 -10.81
C ASP A 276 3.30 -15.91 -9.89
N VAL A 277 3.40 -14.73 -10.46
CA VAL A 277 3.11 -13.50 -9.72
C VAL A 277 2.31 -12.52 -10.55
N TRP A 278 1.37 -11.83 -9.90
CA TRP A 278 0.78 -10.66 -10.50
C TRP A 278 1.53 -9.50 -9.87
N MET A 279 2.34 -8.82 -10.66
CA MET A 279 3.13 -7.73 -10.13
C MET A 279 2.74 -6.41 -10.78
N GLY A 280 2.46 -5.40 -9.96
CA GLY A 280 2.10 -4.08 -10.44
C GLY A 280 3.32 -3.17 -10.58
N ARG A 281 3.21 -2.15 -11.43
CA ARG A 281 4.32 -1.25 -11.66
C ARG A 281 3.94 -0.05 -12.49
N THR A 282 4.64 1.06 -12.31
CA THR A 282 4.35 2.24 -13.12
C THR A 282 4.75 1.93 -14.57
N ILE A 283 4.15 2.62 -15.53
CA ILE A 283 4.54 2.38 -16.90
C ILE A 283 5.90 3.03 -17.14
N SER A 284 6.02 4.29 -16.74
CA SER A 284 7.27 5.02 -16.85
C SER A 284 8.26 4.37 -15.91
N ARG A 285 9.50 4.22 -16.36
CA ARG A 285 10.53 3.62 -15.52
C ARG A 285 11.23 4.73 -14.74
N THR A 286 10.84 5.96 -15.08
CA THR A 286 11.47 7.16 -14.56
C THR A 286 10.59 7.85 -13.52
N SER A 287 9.39 8.26 -13.95
CA SER A 287 8.46 8.92 -13.05
C SER A 287 7.26 8.03 -12.69
N ARG A 288 6.42 8.55 -11.81
CA ARG A 288 5.23 7.85 -11.35
C ARG A 288 4.05 8.17 -12.25
N SER A 289 4.10 7.68 -13.48
CA SER A 289 3.04 7.92 -14.45
C SER A 289 2.59 6.60 -15.08
N GLY A 290 1.28 6.44 -15.28
CA GLY A 290 0.74 5.19 -15.80
C GLY A 290 0.86 3.99 -14.86
N PHE A 291 0.00 2.99 -15.04
CA PHE A 291 0.03 1.78 -14.18
C PHE A 291 -0.37 0.48 -14.88
N GLU A 292 0.41 -0.58 -14.65
CA GLU A 292 0.13 -1.84 -15.31
C GLU A 292 0.37 -3.03 -14.39
N ILE A 293 -0.31 -4.14 -14.69
CA ILE A 293 -0.11 -5.34 -13.89
C ILE A 293 0.28 -6.54 -14.78
N LEU A 294 1.50 -7.02 -14.59
CA LEU A 294 2.02 -8.12 -15.39
C LEU A 294 1.85 -9.42 -14.62
N ARG A 295 1.49 -10.50 -15.32
CA ARG A 295 1.58 -11.81 -14.71
C ARG A 295 2.77 -12.58 -15.27
N ILE A 296 3.78 -12.78 -14.41
CA ILE A 296 4.98 -13.52 -14.78
C ILE A 296 4.89 -15.00 -14.39
N LYS A 297 5.10 -15.88 -15.36
CA LYS A 297 5.01 -17.30 -15.12
C LYS A 297 6.17 -17.73 -14.23
N ASN A 298 5.86 -18.34 -13.10
CA ASN A 298 6.86 -18.83 -12.16
C ASN A 298 7.67 -17.74 -11.49
N GLY A 299 7.19 -16.50 -11.58
CA GLY A 299 7.91 -15.34 -11.08
C GLY A 299 8.00 -15.23 -9.56
N TRP A 300 7.19 -15.99 -8.84
CA TRP A 300 7.32 -15.96 -7.39
C TRP A 300 8.56 -16.73 -6.97
N THR A 301 8.85 -17.82 -7.69
CA THR A 301 9.93 -18.72 -7.33
C THR A 301 11.08 -18.80 -8.34
N GLN A 302 10.97 -18.09 -9.47
CA GLN A 302 12.03 -18.13 -10.47
C GLN A 302 12.50 -16.74 -10.88
N THR A 303 13.60 -16.68 -11.62
CA THR A 303 14.07 -15.43 -12.17
C THR A 303 13.35 -15.19 -13.48
N SER A 304 12.22 -15.88 -13.65
CA SER A 304 11.47 -15.83 -14.90
C SER A 304 11.21 -14.45 -15.42
N LYS A 305 11.15 -14.36 -16.73
CA LYS A 305 10.64 -13.17 -17.38
C LYS A 305 9.63 -13.59 -18.43
N GLU A 306 9.03 -14.77 -18.24
CA GLU A 306 7.95 -15.23 -19.10
C GLU A 306 6.62 -14.61 -18.72
N GLN A 307 6.17 -13.65 -19.54
CA GLN A 307 4.96 -12.90 -19.26
C GLN A 307 3.71 -13.48 -19.93
N ILE A 308 2.78 -13.97 -19.13
CA ILE A 308 1.51 -14.47 -19.66
C ILE A 308 0.55 -13.34 -20.00
N ARG A 309 0.25 -12.48 -19.02
CA ARG A 309 -0.74 -11.41 -19.20
C ARG A 309 -0.24 -10.05 -18.74
N LYS A 310 -0.67 -9.01 -19.45
CA LYS A 310 -0.41 -7.63 -19.06
C LYS A 310 -1.70 -6.86 -19.26
N GLN A 311 -2.04 -6.01 -18.30
CA GLN A 311 -3.27 -5.22 -18.32
C GLN A 311 -3.02 -3.79 -17.82
N VAL A 312 -2.95 -2.84 -18.73
CA VAL A 312 -2.85 -1.42 -18.36
C VAL A 312 -4.13 -0.97 -17.68
N VAL A 313 -4.02 -0.11 -16.66
CA VAL A 313 -5.17 0.42 -15.91
C VAL A 313 -5.12 1.95 -15.84
N VAL A 314 -3.92 2.48 -15.91
CA VAL A 314 -3.70 3.91 -16.07
C VAL A 314 -2.63 4.08 -17.15
N ASP A 315 -2.96 4.81 -18.22
CA ASP A 315 -2.05 4.97 -19.36
C ASP A 315 -0.91 5.93 -19.10
N ASN A 316 0.16 5.80 -19.87
CA ASN A 316 1.40 6.53 -19.63
C ASN A 316 1.28 8.06 -19.80
N LEU A 317 0.11 8.51 -20.22
CA LEU A 317 -0.20 9.93 -20.33
C LEU A 317 -0.83 10.48 -19.05
N ASN A 318 -0.89 9.66 -18.01
CA ASN A 318 -1.55 10.07 -16.78
C ASN A 318 -0.80 9.65 -15.54
N TRP A 319 -0.82 10.54 -14.55
CA TRP A 319 -0.09 10.32 -13.30
C TRP A 319 -0.67 9.18 -12.51
N SER A 320 0.21 8.39 -11.92
CA SER A 320 -0.20 7.36 -11.00
C SER A 320 0.48 7.61 -9.67
N GLY A 321 1.15 6.60 -9.11
CA GLY A 321 1.81 6.72 -7.83
C GLY A 321 1.69 5.45 -6.99
N TYR A 322 1.35 5.61 -5.71
CA TYR A 322 1.30 4.50 -4.76
C TYR A 322 0.35 3.40 -5.20
N SER A 323 0.58 2.18 -4.73
CA SER A 323 -0.32 1.06 -4.97
C SER A 323 -0.21 0.15 -3.80
N GLY A 324 -1.25 -0.61 -3.51
CA GLY A 324 -1.21 -1.49 -2.35
C GLY A 324 -2.11 -2.68 -2.52
N SER A 325 -2.06 -3.57 -1.54
CA SER A 325 -2.82 -4.80 -1.63
C SER A 325 -3.82 -4.97 -0.50
N PHE A 326 -4.85 -5.76 -0.77
CA PHE A 326 -5.78 -6.23 0.23
C PHE A 326 -6.60 -7.32 -0.42
N THR A 327 -7.32 -8.12 0.38
CA THR A 327 -8.22 -9.14 -0.11
C THR A 327 -9.66 -8.83 0.23
N LEU A 328 -10.59 -9.52 -0.45
CA LEU A 328 -12.00 -9.51 -0.08
C LEU A 328 -12.22 -10.65 0.89
N PRO A 329 -12.88 -10.35 2.02
CA PRO A 329 -13.28 -11.47 2.88
C PRO A 329 -14.29 -12.41 2.20
N VAL A 330 -14.10 -13.71 2.42
CA VAL A 330 -15.07 -14.74 2.04
C VAL A 330 -16.52 -14.35 2.39
N GLU A 331 -16.71 -13.80 3.58
CA GLU A 331 -18.02 -13.36 4.05
C GLU A 331 -18.63 -12.24 3.20
N LEU A 332 -17.88 -11.75 2.21
CA LEU A 332 -18.37 -10.69 1.33
C LEU A 332 -18.46 -11.13 -0.13
N SER A 333 -17.47 -11.90 -0.58
CA SER A 333 -17.34 -12.26 -1.98
C SER A 333 -18.13 -13.50 -2.38
N GLY A 334 -18.38 -14.39 -1.41
CA GLY A 334 -19.03 -15.66 -1.70
C GLY A 334 -18.03 -16.77 -1.94
N LYS A 335 -16.83 -16.40 -2.38
CA LYS A 335 -15.84 -17.38 -2.80
C LYS A 335 -15.22 -18.20 -1.66
N ASP A 336 -14.70 -19.37 -2.02
CA ASP A 336 -14.02 -20.24 -1.07
C ASP A 336 -12.56 -19.84 -0.96
N CYS A 337 -12.16 -18.88 -1.81
CA CYS A 337 -10.79 -18.38 -1.82
C CYS A 337 -10.77 -16.86 -1.61
N LEU A 338 -9.60 -16.33 -1.28
CA LEU A 338 -9.40 -14.90 -0.99
C LEU A 338 -9.13 -14.08 -2.26
N VAL A 339 -10.10 -13.29 -2.68
CA VAL A 339 -9.98 -12.49 -3.91
C VAL A 339 -8.88 -11.42 -3.81
N PRO A 340 -7.84 -11.51 -4.64
CA PRO A 340 -6.85 -10.43 -4.62
C PRO A 340 -7.43 -9.13 -5.18
N CYS A 341 -7.07 -8.02 -4.57
CA CYS A 341 -7.52 -6.70 -4.98
C CYS A 341 -6.42 -5.70 -4.73
N PHE A 342 -6.33 -4.68 -5.57
CA PHE A 342 -5.39 -3.62 -5.27
C PHE A 342 -6.01 -2.24 -5.53
N TRP A 343 -5.32 -1.21 -5.05
CA TRP A 343 -5.67 0.15 -5.34
C TRP A 343 -4.46 0.86 -5.92
N VAL A 344 -4.72 1.92 -6.68
CA VAL A 344 -3.67 2.72 -7.30
C VAL A 344 -3.96 4.18 -7.03
N GLU A 345 -3.05 4.84 -6.31
CA GLU A 345 -3.15 6.26 -6.02
C GLU A 345 -2.73 7.06 -7.26
N MET A 346 -3.38 8.20 -7.49
CA MET A 346 -3.08 8.97 -8.69
C MET A 346 -2.79 10.40 -8.31
N ILE A 347 -1.53 10.78 -8.36
CA ILE A 347 -1.07 12.04 -7.78
C ILE A 347 -1.12 13.28 -8.70
N ARG A 348 -1.79 14.32 -8.23
CA ARG A 348 -1.92 15.58 -8.96
C ARG A 348 -1.24 16.71 -8.19
N GLY A 349 -0.82 17.76 -8.88
CA GLY A 349 -0.24 18.92 -8.23
C GLY A 349 1.27 18.84 -8.14
N LYS A 350 1.87 19.41 -7.10
CA LYS A 350 3.32 19.26 -6.89
C LYS A 350 3.69 17.77 -6.74
N PRO A 351 4.90 17.38 -7.17
CA PRO A 351 5.96 18.22 -7.74
C PRO A 351 5.85 18.42 -9.26
N GLU A 352 5.08 17.57 -9.95
CA GLU A 352 5.04 17.60 -11.42
C GLU A 352 4.11 18.60 -12.08
N GLU A 353 3.20 19.21 -11.30
CA GLU A 353 2.26 20.17 -11.84
C GLU A 353 2.37 21.51 -11.13
N LYS A 354 1.99 22.61 -11.80
CA LYS A 354 2.16 23.94 -11.19
C LYS A 354 0.99 24.38 -10.33
N THR A 355 0.89 23.79 -9.14
CA THR A 355 -0.10 24.14 -8.12
C THR A 355 0.64 24.37 -6.82
N ILE A 356 -0.05 24.92 -5.82
CA ILE A 356 0.53 25.11 -4.49
C ILE A 356 0.41 23.83 -3.68
N TRP A 357 -0.44 22.93 -4.16
CA TRP A 357 -0.92 21.84 -3.33
C TRP A 357 -0.60 20.51 -3.99
N THR A 358 -0.78 19.44 -3.23
CA THR A 358 -0.62 18.11 -3.75
C THR A 358 -1.62 17.20 -3.09
N SER A 359 -2.27 16.40 -3.93
CA SER A 359 -3.19 15.39 -3.45
C SER A 359 -3.28 14.31 -4.50
N SER A 360 -4.24 13.43 -4.32
CA SER A 360 -4.36 12.27 -5.18
C SER A 360 -5.75 11.72 -5.08
N SER A 361 -6.19 11.07 -6.15
CA SER A 361 -7.44 10.31 -6.15
C SER A 361 -7.04 8.85 -6.34
N SER A 362 -7.98 7.92 -6.26
CA SER A 362 -7.62 6.53 -6.37
C SER A 362 -8.57 5.75 -7.24
N ILE A 363 -8.16 4.52 -7.58
CA ILE A 363 -9.06 3.54 -8.21
C ILE A 363 -8.73 2.12 -7.75
N VAL A 364 -9.76 1.36 -7.38
CA VAL A 364 -9.58 0.01 -6.86
C VAL A 364 -9.96 -1.09 -7.87
N MET A 365 -9.09 -2.09 -8.04
CA MET A 365 -9.36 -3.23 -8.93
C MET A 365 -9.41 -4.57 -8.17
N CYS A 366 -10.33 -5.44 -8.54
CA CYS A 366 -10.41 -6.76 -7.92
C CYS A 366 -10.23 -7.92 -8.91
N GLY A 367 -9.68 -9.03 -8.41
CA GLY A 367 -9.35 -10.18 -9.25
C GLY A 367 -10.56 -10.97 -9.72
N VAL A 368 -10.62 -11.22 -11.03
CA VAL A 368 -11.75 -11.94 -11.62
C VAL A 368 -11.30 -13.13 -12.47
N ASP A 369 -12.25 -13.85 -13.05
CA ASP A 369 -11.96 -15.06 -13.81
C ASP A 369 -11.74 -14.82 -15.30
N TYR A 370 -11.57 -13.58 -15.71
CA TYR A 370 -11.53 -13.25 -17.12
C TYR A 370 -10.46 -12.22 -17.43
N GLU A 371 -10.04 -12.17 -18.68
CA GLU A 371 -9.18 -11.08 -19.13
C GLU A 371 -10.00 -9.81 -19.25
N VAL A 372 -9.50 -8.73 -18.67
CA VAL A 372 -10.17 -7.43 -18.80
C VAL A 372 -9.35 -6.50 -19.70
N ALA A 373 -10.02 -5.82 -20.63
CA ALA A 373 -9.33 -5.00 -21.62
C ALA A 373 -8.53 -3.89 -20.97
N ASP A 374 -7.45 -3.47 -21.63
CA ASP A 374 -6.66 -2.34 -21.16
C ASP A 374 -7.55 -1.11 -21.17
N TRP A 375 -7.34 -0.22 -20.21
CA TRP A 375 -7.97 1.11 -20.23
C TRP A 375 -7.23 2.08 -19.34
N SER A 376 -7.74 3.29 -19.26
CA SER A 376 -7.16 4.24 -18.34
C SER A 376 -8.24 4.95 -17.54
N TRP A 377 -8.36 4.56 -16.28
CA TRP A 377 -9.25 5.22 -15.35
C TRP A 377 -8.51 6.29 -14.58
N HIS A 378 -7.86 7.20 -15.30
CA HIS A 378 -7.07 8.25 -14.68
C HIS A 378 -7.87 9.26 -13.83
N ASP A 379 -7.14 10.02 -12.99
CA ASP A 379 -7.72 10.96 -12.02
C ASP A 379 -8.73 11.96 -12.58
N GLY A 380 -8.30 12.76 -13.57
CA GLY A 380 -9.19 13.59 -14.34
C GLY A 380 -9.37 15.05 -14.01
N ALA A 381 -8.81 15.51 -12.91
CA ALA A 381 -8.96 16.91 -12.50
C ALA A 381 -8.32 17.83 -13.53
N ILE A 382 -8.92 19.01 -13.68
CA ILE A 382 -8.43 20.03 -14.61
C ILE A 382 -7.53 21.05 -13.90
N LEU A 383 -6.22 20.83 -13.96
CA LEU A 383 -5.28 21.69 -13.24
C LEU A 383 -4.85 22.92 -14.05
N PRO A 384 -4.47 24.01 -13.35
CA PRO A 384 -4.53 24.17 -11.90
C PRO A 384 -5.95 24.50 -11.41
N PHE A 385 -6.11 24.62 -10.10
CA PHE A 385 -7.38 25.00 -9.49
C PHE A 385 -7.34 26.48 -9.12
N ASP A 386 -8.49 27.02 -8.67
CA ASP A 386 -8.62 28.44 -8.30
C ASP A 386 -7.55 28.88 -7.30
N ILE A 387 -6.92 27.90 -6.65
CA ILE A 387 -5.77 28.05 -5.75
C ILE A 387 -6.18 28.40 -4.32
#